data_9UEV
#
_entry.id   9UEV
#
_cell.length_a   1.00
_cell.length_b   1.00
_cell.length_c   1.00
_cell.angle_alpha   90.00
_cell.angle_beta   90.00
_cell.angle_gamma   90.00
#
_symmetry.space_group_name_H-M   'P 1'
#
loop_
_entity.id
_entity.type
_entity.pdbx_description
1 polymer 'SFTSV Gn head'
2 polymer Nb261
3 polymer Nb318
#
loop_
_entity_poly.entity_id
_entity_poly.type
_entity_poly.pdbx_seq_one_letter_code
_entity_poly.pdbx_strand_id
1 'polypeptide(L)'
;DSGPIICAGPIHSNKSADIPHLLGYSEKICQIDRLIHVSSWLRNHSQFQGYVGQRGGRSQVSYYPAENSYSRWSGLLSPC
DADWLGMLVVKKAKGSDMIVPGPSYKGKVFFERPTFDGYVGWGCGSGKSRTESGELCSSDSGTSSGLLPSNRVLWIGDVA
CQPMTPIPEETFLELKSFSQSEFPDICKIDGIVFNQCEGESLPQPFDVAWMDVGHSHKIIMREHKTKWVQESSSKDFVCY
KEGTGPCSESEEKTCKTSGSCRGDMQFCKVAGCEHGEEASEAKCRCSLVHKPGEVVVSYGGMRVRPKCYGFSRMMATLEV
N
;
A
2 'polypeptide(L)'
;EVQLVESGGGLVQPGGSLRLSCAASGFTISNADMRWYRQAPGKERELVALLLSSLGGSTEYADSVKGRFTMFRDNARNTV
YLQMDNLKAEDTAVYYCNVRWTDYWGQGTQVTVSS
;
B
3 'polypeptide(L)'
;EVQLVESGGGLVQAGGSLRLSCTASGLTFSSYAMGWFRQAPGKEREFVAAISWSGGDTYYEDSVKGRFTISRDNAANTVY
LQMNSLKPEDTAVYYCNSGGIATMKLMDQYEYWGQGTQVTVSS
;
C
#
# COMPACT_ATOMS: atom_id res chain seq x y z
N ASP A 1 -2.67 12.26 -4.50
CA ASP A 1 -1.76 11.14 -4.27
C ASP A 1 -0.38 11.43 -4.86
N SER A 2 0.63 10.72 -4.36
CA SER A 2 1.97 10.90 -4.86
C SER A 2 2.15 10.22 -6.21
N GLY A 3 3.24 10.56 -6.87
CA GLY A 3 3.53 10.02 -8.17
C GLY A 3 4.26 8.71 -8.12
N PRO A 4 4.30 8.01 -9.26
CA PRO A 4 5.18 6.85 -9.36
C PRO A 4 6.64 7.27 -9.26
N ILE A 5 7.42 6.44 -8.59
CA ILE A 5 8.85 6.73 -8.46
C ILE A 5 9.54 6.61 -9.81
N ILE A 6 9.31 5.50 -10.51
CA ILE A 6 10.02 5.22 -11.76
C ILE A 6 9.06 4.93 -12.89
N CYS A 7 8.26 3.87 -12.73
CA CYS A 7 7.42 3.37 -13.81
C CYS A 7 5.95 3.69 -13.55
N ALA A 8 5.21 3.92 -14.63
CA ALA A 8 3.79 4.17 -14.53
C ALA A 8 3.04 2.87 -14.24
N GLY A 9 1.71 2.98 -14.15
CA GLY A 9 0.87 1.85 -13.84
C GLY A 9 0.97 0.77 -14.89
N PRO A 10 0.89 -0.49 -14.45
CA PRO A 10 1.03 -1.60 -15.40
C PRO A 10 -0.23 -1.80 -16.23
N ILE A 11 -0.04 -2.44 -17.38
CA ILE A 11 -1.13 -2.83 -18.27
C ILE A 11 -0.97 -4.34 -18.49
N HIS A 12 -1.66 -5.14 -17.69
CA HIS A 12 -1.44 -6.58 -17.68
C HIS A 12 -2.37 -7.29 -18.64
N SER A 13 -1.86 -8.35 -19.27
CA SER A 13 -2.60 -9.11 -20.26
C SER A 13 -2.86 -10.54 -19.85
N ASN A 14 -1.82 -11.31 -19.54
CA ASN A 14 -1.95 -12.71 -19.16
C ASN A 14 -1.87 -12.82 -17.63
N LYS A 15 -2.94 -13.30 -17.01
CA LYS A 15 -3.02 -13.34 -15.55
C LYS A 15 -2.09 -14.37 -14.95
N SER A 16 -1.60 -15.33 -15.73
CA SER A 16 -0.70 -16.36 -15.22
C SER A 16 0.75 -16.08 -15.55
N ALA A 17 1.07 -14.86 -15.98
CA ALA A 17 2.45 -14.54 -16.32
C ALA A 17 3.32 -14.61 -15.08
N ASP A 18 4.47 -15.28 -15.22
CA ASP A 18 5.38 -15.44 -14.09
C ASP A 18 6.01 -14.12 -13.71
N ILE A 19 6.21 -13.93 -12.42
CA ILE A 19 6.83 -12.72 -11.87
C ILE A 19 8.30 -13.02 -11.63
N PRO A 20 9.22 -12.46 -12.39
CA PRO A 20 10.64 -12.75 -12.18
C PRO A 20 11.19 -11.97 -11.00
N HIS A 21 12.40 -12.35 -10.60
CA HIS A 21 13.12 -11.73 -9.50
C HIS A 21 14.34 -11.02 -10.07
N LEU A 22 14.16 -9.76 -10.45
CA LEU A 22 15.25 -8.98 -11.01
C LEU A 22 16.11 -8.38 -9.92
N LEU A 23 17.43 -8.47 -10.10
CA LEU A 23 18.37 -8.08 -9.05
C LEU A 23 18.55 -6.57 -8.93
N GLY A 24 18.32 -5.81 -9.99
CA GLY A 24 18.60 -4.39 -9.96
C GLY A 24 17.73 -3.67 -8.93
N TYR A 25 18.35 -2.72 -8.22
CA TYR A 25 17.61 -1.91 -7.27
C TYR A 25 16.55 -1.06 -7.97
N SER A 26 16.91 -0.44 -9.09
CA SER A 26 15.92 0.33 -9.84
C SER A 26 14.83 -0.56 -10.39
N GLU A 27 15.17 -1.78 -10.81
CA GLU A 27 14.16 -2.72 -11.27
C GLU A 27 13.23 -3.11 -10.14
N LYS A 28 13.77 -3.29 -8.93
CA LYS A 28 12.92 -3.57 -7.78
C LYS A 28 12.01 -2.39 -7.47
N ILE A 29 12.51 -1.17 -7.64
CA ILE A 29 11.67 0.01 -7.43
C ILE A 29 10.55 0.07 -8.46
N CYS A 30 10.87 -0.27 -9.72
CA CYS A 30 9.83 -0.30 -10.75
C CYS A 30 8.79 -1.36 -10.45
N GLN A 31 9.22 -2.53 -9.96
CA GLN A 31 8.27 -3.56 -9.54
C GLN A 31 7.40 -3.07 -8.39
N ILE A 32 8.00 -2.36 -7.44
CA ILE A 32 7.23 -1.79 -6.34
C ILE A 32 6.20 -0.80 -6.86
N ASP A 33 6.57 -0.02 -7.88
CA ASP A 33 5.67 0.96 -8.44
C ASP A 33 4.43 0.30 -9.05
N ARG A 34 4.62 -0.80 -9.77
CA ARG A 34 3.52 -1.47 -10.46
C ARG A 34 2.74 -2.40 -9.55
N LEU A 35 2.97 -2.34 -8.24
CA LEU A 35 2.32 -3.23 -7.28
C LEU A 35 2.57 -4.70 -7.63
N ILE A 36 3.73 -4.98 -8.22
CA ILE A 36 4.12 -6.37 -8.47
C ILE A 36 4.38 -7.09 -7.16
N HIS A 37 4.87 -6.38 -6.14
CA HIS A 37 5.17 -7.03 -4.87
C HIS A 37 3.90 -7.55 -4.20
N VAL A 38 2.81 -6.78 -4.23
CA VAL A 38 1.57 -7.25 -3.61
C VAL A 38 0.98 -8.40 -4.40
N SER A 39 1.07 -8.35 -5.74
CA SER A 39 0.61 -9.46 -6.55
C SER A 39 1.39 -10.73 -6.23
N SER A 40 2.71 -10.62 -6.11
CA SER A 40 3.53 -11.79 -5.80
C SER A 40 3.25 -12.30 -4.39
N TRP A 41 3.01 -11.39 -3.45
CA TRP A 41 2.65 -11.81 -2.09
C TRP A 41 1.33 -12.58 -2.09
N LEU A 42 0.34 -12.07 -2.81
CA LEU A 42 -0.94 -12.75 -2.88
C LEU A 42 -0.80 -14.11 -3.55
N ARG A 43 0.00 -14.19 -4.61
CA ARG A 43 0.24 -15.48 -5.26
C ARG A 43 0.89 -16.46 -4.30
N ASN A 44 1.91 -16.02 -3.58
CA ASN A 44 2.67 -16.92 -2.72
C ASN A 44 1.82 -17.41 -1.55
N HIS A 45 1.00 -16.54 -0.97
CA HIS A 45 0.34 -16.86 0.28
C HIS A 45 -1.14 -17.18 0.15
N SER A 46 -1.93 -16.34 -0.53
CA SER A 46 -3.37 -16.44 -0.48
C SER A 46 -3.97 -17.17 -1.69
N GLN A 47 -3.17 -17.97 -2.39
CA GLN A 47 -3.65 -18.77 -3.53
C GLN A 47 -4.31 -17.91 -4.59
N PHE A 48 -3.75 -16.72 -4.83
CA PHE A 48 -4.33 -15.75 -5.75
C PHE A 48 -3.61 -15.83 -7.09
N GLN A 49 -4.37 -15.65 -8.17
CA GLN A 49 -3.80 -15.65 -9.51
C GLN A 49 -4.21 -14.38 -10.23
N GLY A 50 -3.22 -13.73 -10.86
CA GLY A 50 -3.43 -12.47 -11.54
C GLY A 50 -2.58 -11.36 -10.93
N TYR A 51 -3.07 -10.14 -11.07
CA TYR A 51 -2.34 -8.97 -10.61
C TYR A 51 -3.28 -7.99 -9.93
N VAL A 52 -2.74 -7.25 -8.96
CA VAL A 52 -3.41 -6.09 -8.41
C VAL A 52 -2.69 -4.85 -8.91
N GLY A 53 -3.28 -3.69 -8.65
CA GLY A 53 -2.73 -2.46 -9.18
C GLY A 53 -2.76 -2.41 -10.69
N GLN A 54 -3.81 -2.93 -11.30
CA GLN A 54 -3.95 -2.86 -12.75
C GLN A 54 -4.37 -1.47 -13.18
N ARG A 55 -3.60 -0.87 -14.08
CA ARG A 55 -3.88 0.41 -14.72
C ARG A 55 -3.83 1.57 -13.73
N GLY A 56 -3.61 1.31 -12.45
CA GLY A 56 -3.57 2.36 -11.46
C GLY A 56 -2.23 2.53 -10.77
N GLY A 57 -1.50 1.42 -10.62
CA GLY A 57 -0.20 1.49 -9.99
C GLY A 57 -0.28 1.74 -8.49
N ARG A 58 0.87 2.11 -7.93
CA ARG A 58 1.00 2.34 -6.50
C ARG A 58 0.43 3.69 -6.07
N SER A 59 0.18 4.60 -7.01
CA SER A 59 -0.24 5.95 -6.65
C SER A 59 -1.58 5.95 -5.93
N GLN A 60 -2.54 5.16 -6.40
CA GLN A 60 -3.89 5.18 -5.86
C GLN A 60 -4.20 3.98 -4.98
N VAL A 61 -3.26 3.56 -4.15
CA VAL A 61 -3.52 2.54 -3.14
C VAL A 61 -4.27 3.18 -1.99
N SER A 62 -5.31 2.50 -1.49
CA SER A 62 -6.10 3.04 -0.40
C SER A 62 -5.30 3.06 0.89
N TYR A 63 -5.50 4.10 1.69
CA TYR A 63 -4.86 4.25 2.98
C TYR A 63 -5.90 4.52 4.05
N TYR A 64 -5.56 4.19 5.29
CA TYR A 64 -6.40 4.54 6.43
C TYR A 64 -5.60 5.31 7.46
N PRO A 65 -5.89 6.59 7.70
CA PRO A 65 -6.93 7.41 7.08
C PRO A 65 -6.57 7.81 5.65
N ALA A 66 -7.50 8.39 4.90
CA ALA A 66 -7.20 8.77 3.53
C ALA A 66 -6.10 9.83 3.49
N GLU A 67 -6.14 10.81 4.40
CA GLU A 67 -5.10 11.82 4.49
C GLU A 67 -3.90 11.21 5.17
N ASN A 68 -2.83 10.99 4.41
CA ASN A 68 -1.60 10.40 4.91
C ASN A 68 -0.45 11.35 4.62
N SER A 69 0.29 11.73 5.67
CA SER A 69 1.41 12.64 5.48
C SER A 69 2.50 12.01 4.64
N TYR A 70 2.82 10.75 4.89
CA TYR A 70 3.90 10.08 4.18
C TYR A 70 3.48 9.50 2.84
N SER A 71 2.18 9.45 2.54
CA SER A 71 1.76 8.96 1.23
C SER A 71 2.09 9.96 0.14
N ARG A 72 1.96 11.26 0.42
CA ARG A 72 2.23 12.26 -0.60
C ARG A 72 3.70 12.31 -0.98
N TRP A 73 4.59 11.79 -0.15
CA TRP A 73 5.98 11.61 -0.51
C TRP A 73 6.12 10.24 -1.16
N SER A 74 6.39 10.23 -2.48
CA SER A 74 6.45 8.98 -3.21
C SER A 74 7.59 8.08 -2.72
N GLY A 75 8.75 8.68 -2.45
CA GLY A 75 9.93 7.90 -2.12
C GLY A 75 9.84 7.14 -0.82
N LEU A 76 8.96 7.55 0.08
CA LEU A 76 8.84 6.86 1.36
C LEU A 76 8.25 5.47 1.14
N LEU A 77 8.88 4.47 1.73
CA LEU A 77 8.52 3.08 1.50
C LEU A 77 7.54 2.61 2.57
N SER A 78 6.48 1.95 2.14
CA SER A 78 5.53 1.30 3.03
C SER A 78 6.10 -0.03 3.49
N PRO A 79 5.47 -0.69 4.47
CA PRO A 79 5.96 -2.01 4.89
C PRO A 79 6.02 -3.04 3.76
N CYS A 80 5.06 -3.01 2.83
CA CYS A 80 5.12 -3.94 1.70
C CYS A 80 6.29 -3.62 0.78
N ASP A 81 6.53 -2.34 0.53
CA ASP A 81 7.69 -1.94 -0.27
C ASP A 81 8.98 -2.36 0.40
N ALA A 82 9.06 -2.19 1.72
CA ALA A 82 10.24 -2.67 2.44
C ALA A 82 10.35 -4.18 2.38
N ASP A 83 9.23 -4.89 2.31
CA ASP A 83 9.27 -6.34 2.15
C ASP A 83 9.88 -6.73 0.82
N TRP A 84 9.49 -6.05 -0.26
CA TRP A 84 10.03 -6.40 -1.57
C TRP A 84 11.53 -6.10 -1.66
N LEU A 85 12.04 -5.20 -0.84
CA LEU A 85 13.46 -4.86 -0.84
C LEU A 85 14.27 -5.67 0.16
N GLY A 86 13.65 -6.61 0.86
CA GLY A 86 14.36 -7.46 1.79
C GLY A 86 14.59 -6.88 3.17
N MET A 87 14.07 -5.68 3.45
CA MET A 87 14.28 -5.09 4.76
C MET A 87 13.54 -5.85 5.84
N LEU A 88 12.28 -6.17 5.60
CA LEU A 88 11.45 -6.87 6.57
C LEU A 88 10.60 -7.90 5.83
N VAL A 89 9.83 -8.67 6.59
CA VAL A 89 8.98 -9.72 6.04
C VAL A 89 7.56 -9.51 6.52
N VAL A 90 6.61 -9.54 5.59
CA VAL A 90 5.19 -9.42 5.92
C VAL A 90 4.62 -10.83 6.02
N LYS A 91 4.24 -11.22 7.24
CA LYS A 91 3.77 -12.58 7.48
C LYS A 91 2.34 -12.76 7.05
N LYS A 92 1.94 -14.01 6.87
CA LYS A 92 0.55 -14.35 6.62
C LYS A 92 -0.21 -14.35 7.93
N ALA A 93 -1.43 -13.82 7.90
CA ALA A 93 -2.21 -13.67 9.11
C ALA A 93 -2.62 -15.02 9.69
N LYS A 94 -2.61 -15.12 11.00
CA LYS A 94 -3.07 -16.29 11.73
C LYS A 94 -4.38 -15.99 12.43
N GLY A 95 -4.89 -16.99 13.15
CA GLY A 95 -6.16 -16.80 13.85
C GLY A 95 -6.06 -15.78 14.97
N SER A 96 -4.91 -15.74 15.65
CA SER A 96 -4.76 -14.85 16.79
C SER A 96 -4.58 -13.39 16.37
N ASP A 97 -4.24 -13.14 15.11
CA ASP A 97 -4.00 -11.78 14.65
C ASP A 97 -5.29 -10.98 14.66
N MET A 98 -5.18 -9.70 14.98
CA MET A 98 -6.33 -8.84 15.18
C MET A 98 -6.53 -7.92 13.98
N ILE A 99 -7.77 -7.81 13.54
CA ILE A 99 -8.14 -6.95 12.43
C ILE A 99 -8.77 -5.68 12.98
N VAL A 100 -8.11 -4.56 12.77
CA VAL A 100 -8.54 -3.31 13.40
C VAL A 100 -9.83 -2.83 12.75
N PRO A 101 -10.80 -2.33 13.52
CA PRO A 101 -12.03 -1.79 12.92
C PRO A 101 -11.86 -0.34 12.51
N GLY A 102 -12.74 0.08 11.61
CA GLY A 102 -12.77 1.45 11.16
C GLY A 102 -12.55 1.65 9.66
N PRO A 103 -11.55 0.99 9.08
CA PRO A 103 -11.38 1.08 7.63
C PRO A 103 -12.52 0.43 6.87
N SER A 104 -12.72 0.90 5.64
CA SER A 104 -13.71 0.32 4.74
C SER A 104 -13.10 -0.92 4.10
N TYR A 105 -13.50 -2.09 4.58
CA TYR A 105 -12.91 -3.35 4.13
C TYR A 105 -13.69 -4.00 2.98
N LYS A 106 -14.80 -3.42 2.55
CA LYS A 106 -15.57 -4.02 1.47
C LYS A 106 -14.78 -3.98 0.17
N GLY A 107 -14.66 -5.13 -0.49
CA GLY A 107 -14.03 -5.21 -1.78
C GLY A 107 -12.52 -5.34 -1.76
N LYS A 108 -11.88 -5.11 -0.62
CA LYS A 108 -10.43 -5.20 -0.56
C LYS A 108 -9.98 -6.65 -0.74
N VAL A 109 -8.84 -6.82 -1.39
CA VAL A 109 -8.22 -8.13 -1.52
C VAL A 109 -6.99 -8.26 -0.62
N PHE A 110 -6.31 -7.16 -0.31
CA PHE A 110 -5.12 -7.19 0.52
C PHE A 110 -5.12 -5.98 1.43
N PHE A 111 -4.78 -6.19 2.70
CA PHE A 111 -4.59 -5.08 3.62
C PHE A 111 -3.63 -5.49 4.72
N GLU A 112 -2.67 -4.62 5.03
CA GLU A 112 -1.65 -4.90 6.02
C GLU A 112 -1.61 -3.78 7.05
N ARG A 113 -1.33 -4.15 8.30
CA ARG A 113 -1.14 -3.18 9.35
C ARG A 113 0.11 -3.56 10.16
N PRO A 114 0.81 -2.58 10.70
CA PRO A 114 1.99 -2.88 11.53
C PRO A 114 1.58 -3.26 12.94
N THR A 115 1.81 -4.51 13.31
CA THR A 115 1.46 -4.99 14.64
C THR A 115 2.59 -4.67 15.61
N PHE A 116 2.31 -4.89 16.90
CA PHE A 116 3.30 -4.64 17.93
C PHE A 116 4.51 -5.56 17.85
N ASP A 117 4.36 -6.72 17.21
CA ASP A 117 5.49 -7.64 17.03
C ASP A 117 6.18 -7.42 15.69
N GLY A 118 5.45 -7.58 14.59
CA GLY A 118 6.00 -7.42 13.27
C GLY A 118 5.01 -6.78 12.32
N TYR A 119 4.85 -7.36 11.14
CA TYR A 119 3.93 -6.84 10.14
C TYR A 119 3.08 -7.99 9.60
N VAL A 120 1.77 -7.79 9.59
CA VAL A 120 0.82 -8.84 9.24
C VAL A 120 0.00 -8.37 8.04
N GLY A 121 -0.11 -9.22 7.03
CA GLY A 121 -0.92 -8.90 5.87
C GLY A 121 -1.99 -9.93 5.61
N TRP A 122 -3.22 -9.47 5.41
CA TRP A 122 -4.35 -10.34 5.11
C TRP A 122 -4.61 -10.34 3.61
N GLY A 123 -4.95 -11.51 3.08
CA GLY A 123 -5.22 -11.63 1.65
C GLY A 123 -6.37 -12.58 1.40
N CYS A 124 -7.14 -12.27 0.36
CA CYS A 124 -8.26 -13.09 -0.07
C CYS A 124 -7.86 -13.94 -1.27
N GLY A 125 -8.56 -15.05 -1.45
CA GLY A 125 -8.26 -15.99 -2.51
C GLY A 125 -8.71 -15.48 -3.86
N SER A 126 -8.41 -16.28 -4.88
CA SER A 126 -8.77 -15.92 -6.24
C SER A 126 -10.28 -15.92 -6.42
N GLY A 127 -10.78 -14.92 -7.14
CA GLY A 127 -12.21 -14.80 -7.32
C GLY A 127 -12.97 -14.49 -6.05
N LYS A 128 -12.31 -13.90 -5.05
CA LYS A 128 -12.94 -13.59 -3.79
C LYS A 128 -12.49 -12.21 -3.32
N SER A 129 -13.29 -11.62 -2.44
CA SER A 129 -13.03 -10.28 -1.92
C SER A 129 -13.42 -10.20 -0.46
N ARG A 130 -12.69 -9.41 0.31
CA ARG A 130 -12.98 -9.22 1.72
C ARG A 130 -14.33 -8.53 1.90
N THR A 131 -15.04 -8.92 2.94
CA THR A 131 -16.32 -8.34 3.28
C THR A 131 -16.09 -7.08 4.12
N GLU A 132 -17.18 -6.46 4.57
CA GLU A 132 -17.07 -5.18 5.28
C GLU A 132 -16.33 -5.33 6.60
N SER A 133 -16.47 -6.48 7.27
CA SER A 133 -15.76 -6.67 8.52
C SER A 133 -14.26 -6.76 8.31
N GLY A 134 -13.83 -7.24 7.15
CA GLY A 134 -12.44 -7.54 6.91
C GLY A 134 -12.02 -8.91 7.40
N GLU A 135 -12.93 -9.69 7.96
CA GLU A 135 -12.61 -11.00 8.50
C GLU A 135 -12.97 -12.14 7.56
N LEU A 136 -13.68 -11.88 6.48
CA LEU A 136 -14.20 -12.95 5.63
C LEU A 136 -13.89 -12.67 4.17
N CYS A 137 -13.75 -13.75 3.41
CA CYS A 137 -13.65 -13.70 1.95
C CYS A 137 -14.97 -14.21 1.36
N SER A 138 -15.55 -13.44 0.45
CA SER A 138 -16.81 -13.82 -0.18
C SER A 138 -16.68 -13.71 -1.69
N SER A 139 -17.52 -14.44 -2.39
CA SER A 139 -17.48 -14.47 -3.84
C SER A 139 -17.85 -13.12 -4.43
N ASP A 140 -17.20 -12.75 -5.52
CA ASP A 140 -17.42 -11.44 -6.13
C ASP A 140 -17.11 -11.52 -7.62
N SER A 141 -18.06 -11.08 -8.45
CA SER A 141 -17.81 -11.07 -9.88
C SER A 141 -16.83 -9.99 -10.29
N GLY A 142 -16.69 -8.95 -9.47
CA GLY A 142 -15.76 -7.88 -9.80
C GLY A 142 -14.32 -8.36 -9.87
N THR A 143 -13.89 -9.12 -8.87
CA THR A 143 -12.54 -9.66 -8.84
C THR A 143 -12.51 -11.05 -9.48
N SER A 144 -13.04 -11.13 -10.70
CA SER A 144 -13.09 -12.37 -11.44
C SER A 144 -12.24 -12.38 -12.70
N SER A 145 -11.99 -11.22 -13.31
CA SER A 145 -11.23 -11.18 -14.55
C SER A 145 -9.77 -11.56 -14.36
N GLY A 146 -9.29 -11.61 -13.12
CA GLY A 146 -7.89 -11.84 -12.83
C GLY A 146 -7.03 -10.61 -12.80
N LEU A 147 -7.58 -9.45 -13.16
CA LEU A 147 -6.87 -8.19 -13.11
C LEU A 147 -7.68 -7.21 -12.28
N LEU A 148 -7.07 -6.68 -11.22
CA LEU A 148 -7.82 -5.85 -10.28
C LEU A 148 -7.18 -4.48 -10.15
N PRO A 149 -7.97 -3.42 -10.01
CA PRO A 149 -7.41 -2.08 -9.86
C PRO A 149 -6.81 -1.88 -8.47
N SER A 150 -6.12 -0.75 -8.32
CA SER A 150 -5.39 -0.45 -7.10
C SER A 150 -6.30 -0.10 -5.94
N ASN A 151 -7.58 0.16 -6.19
CA ASN A 151 -8.50 0.45 -5.10
C ASN A 151 -8.82 -0.77 -4.26
N ARG A 152 -8.40 -1.96 -4.69
CA ARG A 152 -8.61 -3.19 -3.93
C ARG A 152 -7.52 -3.42 -2.89
N VAL A 153 -6.50 -2.56 -2.82
CA VAL A 153 -5.39 -2.71 -1.89
C VAL A 153 -5.51 -1.63 -0.83
N LEU A 154 -5.44 -2.03 0.44
CA LEU A 154 -5.51 -1.11 1.56
C LEU A 154 -4.22 -1.21 2.37
N TRP A 155 -3.66 -0.07 2.74
CA TRP A 155 -2.51 -0.01 3.63
C TRP A 155 -2.89 0.80 4.86
N ILE A 156 -2.61 0.27 6.03
CA ILE A 156 -3.05 0.85 7.29
C ILE A 156 -1.89 1.59 7.94
N GLY A 157 -2.10 2.85 8.28
CA GLY A 157 -1.14 3.60 9.07
C GLY A 157 -0.29 4.53 8.23
N ASP A 158 0.34 5.48 8.93
CA ASP A 158 1.25 6.44 8.31
C ASP A 158 2.69 5.96 8.50
N VAL A 159 3.04 4.93 7.75
CA VAL A 159 4.28 4.19 7.96
C VAL A 159 5.35 4.69 7.00
N ALA A 160 6.61 4.62 7.44
CA ALA A 160 7.75 4.97 6.60
C ALA A 160 8.94 4.12 7.03
N CYS A 161 9.39 3.23 6.14
CA CYS A 161 10.49 2.33 6.44
C CYS A 161 11.74 2.76 5.67
N GLN A 162 12.90 2.45 6.23
CA GLN A 162 14.15 3.05 5.79
C GLN A 162 15.30 2.16 6.24
N PRO A 163 16.51 2.39 5.73
CA PRO A 163 17.68 1.71 6.29
C PRO A 163 17.86 2.04 7.76
N MET A 164 18.34 1.06 8.51
CA MET A 164 18.45 1.15 9.95
C MET A 164 19.89 1.05 10.39
N THR A 165 20.31 1.94 11.29
CA THR A 165 21.60 1.81 11.94
C THR A 165 21.43 1.00 13.22
N PRO A 166 22.14 -0.12 13.38
CA PRO A 166 21.89 -0.98 14.54
C PRO A 166 22.21 -0.29 15.85
N ILE A 167 21.45 -0.63 16.88
CA ILE A 167 21.65 -0.08 18.22
C ILE A 167 21.82 -1.24 19.21
N PRO A 168 22.58 -1.06 20.29
CA PRO A 168 22.77 -2.15 21.24
C PRO A 168 21.58 -2.40 22.14
N GLU A 169 21.69 -3.42 23.01
CA GLU A 169 20.60 -3.83 23.86
C GLU A 169 20.34 -2.85 25.00
N GLU A 170 21.38 -2.20 25.52
CA GLU A 170 21.20 -1.28 26.64
C GLU A 170 20.31 -0.10 26.24
N THR A 171 20.53 0.44 25.05
CA THR A 171 19.67 1.52 24.57
C THR A 171 18.23 1.04 24.42
N PHE A 172 18.05 -0.17 23.91
CA PHE A 172 16.68 -0.69 23.73
C PHE A 172 15.98 -0.88 25.07
N LEU A 173 16.71 -1.37 26.08
CA LEU A 173 16.07 -1.56 27.38
C LEU A 173 15.77 -0.22 28.05
N GLU A 174 16.63 0.78 27.87
CA GLU A 174 16.32 2.12 28.36
C GLU A 174 15.07 2.68 27.67
N LEU A 175 14.97 2.49 26.36
CA LEU A 175 13.80 2.97 25.63
C LEU A 175 12.53 2.25 26.08
N LYS A 176 12.63 0.94 26.33
CA LYS A 176 11.48 0.20 26.84
C LYS A 176 11.08 0.70 28.22
N SER A 177 12.06 1.00 29.08
CA SER A 177 11.75 1.56 30.39
C SER A 177 11.04 2.90 30.26
N PHE A 178 11.50 3.74 29.34
CA PHE A 178 10.83 5.02 29.12
C PHE A 178 9.41 4.80 28.61
N SER A 179 9.21 3.85 27.69
CA SER A 179 7.89 3.59 27.15
C SER A 179 6.94 3.08 28.24
N GLN A 180 7.41 2.16 29.08
CA GLN A 180 6.55 1.64 30.12
C GLN A 180 6.26 2.68 31.19
N SER A 181 7.19 3.61 31.40
CA SER A 181 6.90 4.71 32.33
C SER A 181 5.94 5.70 31.72
N GLU A 182 5.92 5.81 30.39
CA GLU A 182 5.06 6.76 29.70
C GLU A 182 3.69 6.19 29.36
N PHE A 183 3.54 4.88 29.39
CA PHE A 183 2.26 4.20 29.13
C PHE A 183 1.97 3.25 30.28
N PRO A 184 1.63 3.78 31.47
CA PRO A 184 1.36 2.90 32.60
C PRO A 184 0.00 2.23 32.56
N ASP A 185 -0.90 2.67 31.68
CA ASP A 185 -2.28 2.19 31.67
C ASP A 185 -2.55 1.18 30.57
N ILE A 186 -1.52 0.68 29.90
CA ILE A 186 -1.67 -0.34 28.85
C ILE A 186 -1.12 -1.66 29.38
N CYS A 187 -1.88 -2.73 29.15
CA CYS A 187 -1.51 -4.05 29.63
C CYS A 187 -1.15 -5.02 28.52
N LYS A 188 -1.81 -4.96 27.37
CA LYS A 188 -1.49 -5.80 26.23
C LYS A 188 -1.66 -5.00 24.95
N ILE A 189 -0.72 -5.17 24.03
CA ILE A 189 -0.82 -4.59 22.69
C ILE A 189 -0.72 -5.73 21.69
N ASP A 190 -1.81 -5.96 20.96
CA ASP A 190 -1.88 -7.06 19.98
C ASP A 190 -1.53 -8.40 20.62
N GLY A 191 -1.97 -8.57 21.87
CA GLY A 191 -1.78 -9.82 22.56
C GLY A 191 -0.38 -10.07 23.07
N ILE A 192 0.53 -9.09 22.93
CA ILE A 192 1.89 -9.22 23.42
C ILE A 192 1.96 -8.60 24.81
N VAL A 193 2.55 -9.34 25.75
CA VAL A 193 2.46 -8.99 27.16
C VAL A 193 3.21 -7.69 27.42
N PHE A 194 2.47 -6.65 27.73
CA PHE A 194 3.03 -5.39 28.22
C PHE A 194 3.11 -5.49 29.74
N ASN A 195 3.29 -4.37 30.43
CA ASN A 195 3.46 -4.35 31.87
C ASN A 195 2.40 -5.21 32.56
N GLN A 196 2.79 -5.81 33.68
CA GLN A 196 1.92 -6.77 34.37
C GLN A 196 0.60 -6.12 34.76
N CYS A 197 -0.48 -6.87 34.58
CA CYS A 197 -1.81 -6.37 34.85
C CYS A 197 -2.69 -7.52 35.34
N GLU A 198 -3.35 -7.31 36.48
CA GLU A 198 -4.28 -8.29 37.01
C GLU A 198 -5.69 -8.12 36.47
N GLY A 199 -5.98 -7.00 35.80
CA GLY A 199 -7.30 -6.78 35.25
C GLY A 199 -7.26 -6.32 33.79
N GLU A 200 -7.84 -7.12 32.91
CA GLU A 200 -7.82 -6.85 31.48
C GLU A 200 -9.19 -6.37 31.02
N SER A 201 -9.21 -5.28 30.27
CA SER A 201 -10.43 -4.80 29.65
C SER A 201 -10.56 -5.38 28.25
N LEU A 202 -11.66 -5.06 27.57
CA LEU A 202 -11.82 -5.47 26.20
C LEU A 202 -10.83 -4.72 25.31
N PRO A 203 -10.32 -5.35 24.25
CA PRO A 203 -9.41 -4.65 23.35
C PRO A 203 -10.09 -3.45 22.72
N GLN A 204 -9.32 -2.38 22.54
CA GLN A 204 -9.81 -1.15 21.95
C GLN A 204 -8.83 -0.67 20.90
N PRO A 205 -9.32 0.04 19.89
CA PRO A 205 -8.41 0.67 18.92
C PRO A 205 -7.50 1.68 19.60
N PHE A 206 -6.29 1.81 19.06
CA PHE A 206 -5.27 2.66 19.66
C PHE A 206 -4.40 3.24 18.56
N ASP A 207 -4.42 4.57 18.42
CA ASP A 207 -3.59 5.28 17.45
C ASP A 207 -2.40 5.90 18.17
N VAL A 208 -1.19 5.49 17.81
CA VAL A 208 -0.01 5.89 18.56
C VAL A 208 1.20 5.83 17.64
N ALA A 209 2.14 6.74 17.85
CA ALA A 209 3.40 6.71 17.10
C ALA A 209 4.29 5.60 17.62
N TRP A 210 5.02 4.96 16.71
CA TRP A 210 5.87 3.83 17.06
C TRP A 210 7.13 3.85 16.22
N MET A 211 8.13 3.10 16.67
CA MET A 211 9.36 2.92 15.94
C MET A 211 9.74 1.44 15.95
N ASP A 212 10.54 1.04 14.97
CA ASP A 212 10.93 -0.36 14.83
C ASP A 212 12.44 -0.52 14.88
N VAL A 213 13.07 0.04 15.91
CA VAL A 213 14.52 -0.05 16.12
C VAL A 213 15.02 -1.47 15.88
N GLY A 214 14.19 -2.45 16.19
CA GLY A 214 14.39 -3.81 15.73
C GLY A 214 14.83 -4.74 16.85
N HIS A 215 13.85 -5.39 17.45
CA HIS A 215 14.05 -6.28 18.58
C HIS A 215 12.77 -7.07 18.81
N SER A 216 12.62 -7.66 20.00
CA SER A 216 11.44 -8.45 20.32
C SER A 216 10.14 -7.69 20.03
N HIS A 217 10.10 -6.39 20.32
CA HIS A 217 8.86 -5.65 20.11
C HIS A 217 9.16 -4.18 19.80
N LYS A 218 8.14 -3.51 19.27
CA LYS A 218 8.24 -2.11 18.90
C LYS A 218 8.23 -1.21 20.13
N ILE A 219 8.55 0.06 19.92
CA ILE A 219 8.55 1.07 20.97
C ILE A 219 7.55 2.15 20.59
N ILE A 220 6.60 2.42 21.48
CA ILE A 220 5.55 3.39 21.25
C ILE A 220 5.78 4.60 22.14
N MET A 221 5.66 5.79 21.58
CA MET A 221 5.95 7.02 22.29
C MET A 221 4.81 8.01 22.14
N ARG A 222 4.64 8.86 23.15
CA ARG A 222 3.66 9.93 23.12
C ARG A 222 4.28 11.29 22.81
N GLU A 223 5.45 11.58 23.36
CA GLU A 223 6.16 12.81 23.05
C GLU A 223 7.46 12.47 22.33
N HIS A 224 7.76 13.23 21.29
CA HIS A 224 8.93 12.99 20.46
C HIS A 224 9.06 14.12 19.46
N LYS A 225 10.29 14.38 19.03
CA LYS A 225 10.58 15.37 18.00
C LYS A 225 11.36 14.67 16.90
N THR A 226 10.73 14.50 15.75
CA THR A 226 11.34 13.78 14.64
C THR A 226 11.94 14.75 13.65
N LYS A 227 13.23 14.60 13.38
CA LYS A 227 13.93 15.39 12.39
C LYS A 227 14.19 14.56 11.15
N TRP A 228 14.29 15.22 10.01
CA TRP A 228 14.59 14.56 8.75
C TRP A 228 15.93 15.05 8.23
N VAL A 229 16.75 14.13 7.76
CA VAL A 229 18.09 14.44 7.27
C VAL A 229 18.27 13.77 5.91
N GLN A 230 18.98 14.46 5.01
CA GLN A 230 19.30 13.94 3.69
C GLN A 230 20.77 13.61 3.63
N GLU A 231 21.09 12.36 3.33
CA GLU A 231 22.48 11.93 3.21
C GLU A 231 22.92 11.70 1.77
N SER A 232 21.97 11.52 0.85
CA SER A 232 22.26 11.30 -0.55
C SER A 232 23.19 10.10 -0.75
N SER A 233 22.89 9.00 -0.05
CA SER A 233 23.63 7.77 -0.23
C SER A 233 23.20 7.08 -1.52
N SER A 234 23.75 5.89 -1.76
CA SER A 234 23.42 5.16 -2.97
C SER A 234 21.99 4.65 -2.98
N LYS A 235 21.35 4.54 -1.81
CA LYS A 235 19.96 4.11 -1.74
C LYS A 235 19.00 5.19 -2.17
N ASP A 236 19.41 6.46 -2.12
CA ASP A 236 18.54 7.57 -2.47
C ASP A 236 18.48 7.86 -3.96
N PHE A 237 19.23 7.13 -4.77
CA PHE A 237 19.27 7.37 -6.22
C PHE A 237 18.71 6.17 -6.96
N VAL A 238 17.87 6.44 -7.96
CA VAL A 238 17.31 5.42 -8.84
C VAL A 238 17.69 5.76 -10.26
N CYS A 239 18.31 4.81 -10.96
CA CYS A 239 18.79 5.04 -12.31
C CYS A 239 17.89 4.32 -13.30
N TYR A 240 17.55 5.02 -14.39
CA TYR A 240 16.60 4.52 -15.38
C TYR A 240 17.09 4.85 -16.78
N LYS A 241 16.56 4.15 -17.76
CA LYS A 241 16.91 4.41 -19.15
C LYS A 241 16.13 5.62 -19.65
N GLU A 242 16.19 5.87 -20.95
CA GLU A 242 15.54 7.05 -21.52
C GLU A 242 14.04 7.04 -21.31
N GLY A 243 13.35 6.06 -21.90
CA GLY A 243 11.92 6.00 -21.77
C GLY A 243 11.37 4.59 -21.66
N THR A 244 12.24 3.59 -21.80
CA THR A 244 11.77 2.21 -21.84
C THR A 244 11.46 1.69 -20.45
N GLY A 245 12.43 1.72 -19.54
CA GLY A 245 12.23 1.23 -18.21
C GLY A 245 13.49 1.31 -17.36
N PRO A 246 13.46 0.68 -16.20
CA PRO A 246 14.62 0.72 -15.30
C PRO A 246 15.78 -0.06 -15.87
N CYS A 247 16.99 0.34 -15.45
CA CYS A 247 18.20 -0.27 -15.95
C CYS A 247 18.50 -1.57 -15.19
N SER A 248 19.39 -2.36 -15.77
CA SER A 248 19.69 -3.68 -15.24
C SER A 248 20.75 -3.57 -14.14
N GLU A 249 21.19 -4.73 -13.64
CA GLU A 249 22.23 -4.76 -12.61
C GLU A 249 23.52 -4.12 -13.12
N SER A 250 23.96 -4.53 -14.31
CA SER A 250 25.26 -4.10 -14.81
C SER A 250 25.29 -2.59 -15.06
N GLU A 251 24.26 -2.07 -15.72
CA GLU A 251 24.22 -0.64 -16.00
C GLU A 251 24.12 0.17 -14.72
N GLU A 252 23.31 -0.29 -13.77
CA GLU A 252 23.16 0.43 -12.51
C GLU A 252 24.49 0.47 -11.75
N LYS A 253 25.17 -0.67 -11.67
CA LYS A 253 26.45 -0.68 -10.98
C LYS A 253 27.48 0.18 -11.69
N THR A 254 27.50 0.13 -13.03
CA THR A 254 28.41 0.97 -13.80
C THR A 254 28.19 2.44 -13.49
N CYS A 255 26.94 2.91 -13.59
CA CYS A 255 26.68 4.33 -13.38
C CYS A 255 26.92 4.74 -11.93
N LYS A 256 26.57 3.87 -10.98
CA LYS A 256 26.65 4.25 -9.57
C LYS A 256 28.05 4.09 -8.98
N THR A 257 28.96 3.38 -9.64
CA THR A 257 30.32 3.25 -9.13
C THR A 257 31.34 3.95 -10.02
N SER A 258 31.35 3.67 -11.32
CA SER A 258 32.35 4.27 -12.19
C SER A 258 32.17 5.78 -12.32
N GLY A 259 30.96 6.27 -12.12
CA GLY A 259 30.70 7.70 -12.23
C GLY A 259 30.82 8.26 -13.62
N SER A 260 30.33 7.55 -14.63
CA SER A 260 30.36 8.02 -16.02
C SER A 260 28.97 8.04 -16.65
N CYS A 261 27.93 8.25 -15.85
CA CYS A 261 26.55 8.26 -16.33
C CYS A 261 25.94 9.61 -15.99
N ARG A 262 25.40 10.30 -17.01
CA ARG A 262 24.88 11.65 -16.79
C ARG A 262 23.55 11.59 -16.07
N GLY A 263 23.19 12.69 -15.43
CA GLY A 263 21.96 12.78 -14.68
C GLY A 263 21.71 14.17 -14.18
N ASP A 264 21.30 14.28 -12.92
CA ASP A 264 21.05 15.57 -12.29
C ASP A 264 22.24 15.98 -11.43
N MET A 265 22.18 17.23 -10.93
CA MET A 265 23.34 17.82 -10.26
C MET A 265 23.65 17.14 -8.94
N GLN A 266 22.62 16.73 -8.18
CA GLN A 266 22.85 16.05 -6.92
C GLN A 266 23.64 14.76 -7.14
N PHE A 267 23.23 13.97 -8.13
CA PHE A 267 24.00 12.79 -8.50
C PHE A 267 25.38 13.16 -8.99
N CYS A 268 25.52 14.33 -9.62
CA CYS A 268 26.83 14.75 -10.12
C CYS A 268 27.83 14.99 -8.98
N LYS A 269 27.40 15.66 -7.90
CA LYS A 269 28.35 15.80 -6.80
C LYS A 269 28.46 14.53 -5.98
N VAL A 270 27.39 13.75 -5.84
CA VAL A 270 27.46 12.56 -5.00
C VAL A 270 28.37 11.51 -5.63
N ALA A 271 28.19 11.25 -6.92
CA ALA A 271 28.91 10.17 -7.58
C ALA A 271 29.76 10.61 -8.77
N GLY A 272 29.27 11.54 -9.58
CA GLY A 272 30.00 11.94 -10.78
C GLY A 272 29.28 11.54 -12.06
N CYS A 273 29.05 12.52 -12.94
CA CYS A 273 28.27 12.31 -14.15
C CYS A 273 29.17 12.35 -15.38
N GLU A 274 28.59 12.03 -16.52
CA GLU A 274 29.25 12.13 -17.81
C GLU A 274 28.90 13.47 -18.45
N HIS A 275 29.90 14.09 -19.07
CA HIS A 275 29.74 15.42 -19.63
C HIS A 275 30.27 15.39 -21.06
N GLY A 276 30.32 16.56 -21.70
CA GLY A 276 30.76 16.65 -23.08
C GLY A 276 29.65 16.35 -24.07
N GLU A 277 29.68 15.18 -24.68
CA GLU A 277 28.67 14.79 -25.65
C GLU A 277 27.33 14.57 -24.96
N GLU A 278 26.26 14.55 -25.75
CA GLU A 278 24.91 14.41 -25.22
C GLU A 278 24.14 13.20 -25.74
N ALA A 279 24.61 12.52 -26.78
CA ALA A 279 23.92 11.36 -27.34
C ALA A 279 24.27 10.12 -26.50
N SER A 280 23.56 9.97 -25.39
CA SER A 280 23.77 8.87 -24.45
C SER A 280 22.45 8.20 -24.12
N GLU A 281 21.67 7.91 -25.17
CA GLU A 281 20.36 7.29 -24.98
C GLU A 281 20.50 5.91 -24.34
N ALA A 282 21.45 5.11 -24.81
CA ALA A 282 21.65 3.78 -24.24
C ALA A 282 22.10 3.86 -22.78
N LYS A 283 22.94 4.84 -22.46
CA LYS A 283 23.47 4.96 -21.11
C LYS A 283 22.36 5.31 -20.13
N CYS A 284 22.45 4.74 -18.94
CA CYS A 284 21.48 5.01 -17.89
C CYS A 284 21.68 6.40 -17.30
N ARG A 285 20.63 6.93 -16.67
CA ARG A 285 20.69 8.20 -15.98
C ARG A 285 19.98 8.09 -14.64
N CYS A 286 20.54 8.75 -13.63
CA CYS A 286 20.11 8.55 -12.24
C CYS A 286 19.63 9.86 -11.63
N SER A 287 18.54 9.77 -10.88
CA SER A 287 17.98 10.91 -10.13
C SER A 287 17.72 10.47 -8.70
N LEU A 288 17.28 11.41 -7.87
CA LEU A 288 17.03 11.15 -6.46
C LEU A 288 15.55 10.95 -6.19
N VAL A 289 15.23 9.95 -5.38
CA VAL A 289 13.84 9.65 -5.07
C VAL A 289 13.22 10.81 -4.30
N HIS A 290 11.91 10.98 -4.47
CA HIS A 290 11.18 12.09 -3.85
C HIS A 290 10.82 11.70 -2.43
N LYS A 291 11.82 11.73 -1.56
CA LYS A 291 11.58 11.52 -0.14
C LYS A 291 12.29 12.60 0.67
N PRO A 292 11.76 12.95 1.83
CA PRO A 292 12.39 14.00 2.65
C PRO A 292 13.62 13.53 3.39
N GLY A 293 14.10 12.33 3.06
CA GLY A 293 15.29 11.80 3.70
C GLY A 293 14.99 10.63 4.60
N GLU A 294 15.72 10.52 5.70
CA GLU A 294 15.53 9.47 6.68
C GLU A 294 15.25 10.11 8.04
N VAL A 295 14.36 9.48 8.80
CA VAL A 295 13.88 10.08 10.04
C VAL A 295 14.84 9.74 11.17
N VAL A 296 15.26 10.76 11.91
CA VAL A 296 16.01 10.59 13.15
C VAL A 296 15.09 11.02 14.29
N VAL A 297 14.82 10.11 15.20
CA VAL A 297 13.88 10.34 16.29
C VAL A 297 14.65 10.70 17.56
N SER A 298 14.22 11.76 18.23
CA SER A 298 14.81 12.18 19.51
C SER A 298 13.79 11.87 20.59
N TYR A 299 13.82 10.64 21.09
CA TYR A 299 12.86 10.18 22.09
C TYR A 299 13.60 9.53 23.25
N GLY A 300 13.08 9.76 24.45
CA GLY A 300 13.65 9.17 25.64
C GLY A 300 15.10 9.56 25.87
N GLY A 301 15.38 10.86 25.79
CA GLY A 301 16.74 11.32 25.98
C GLY A 301 17.59 11.11 24.74
N MET A 302 18.46 10.12 24.76
CA MET A 302 19.35 9.86 23.64
C MET A 302 18.54 9.54 22.39
N ARG A 303 19.02 9.99 21.25
CA ARG A 303 18.28 9.96 19.99
C ARG A 303 18.73 8.79 19.13
N VAL A 304 17.78 8.17 18.43
CA VAL A 304 18.04 6.99 17.63
C VAL A 304 17.47 7.19 16.23
N ARG A 305 17.96 6.39 15.29
CA ARG A 305 17.39 6.33 13.95
C ARG A 305 16.63 5.01 13.80
N PRO A 306 15.31 5.04 13.65
CA PRO A 306 14.55 3.79 13.60
C PRO A 306 14.58 3.15 12.23
N LYS A 307 14.17 1.89 12.20
CA LYS A 307 13.96 1.21 10.93
C LYS A 307 12.68 1.67 10.26
N CYS A 308 11.60 1.79 11.02
CA CYS A 308 10.32 2.26 10.49
C CYS A 308 9.67 3.16 11.54
N TYR A 309 9.30 4.36 11.12
CA TYR A 309 8.60 5.32 11.97
C TYR A 309 7.20 5.52 11.43
N GLY A 310 6.20 5.34 12.29
CA GLY A 310 4.83 5.34 11.81
C GLY A 310 3.83 5.80 12.85
N PHE A 311 2.60 5.99 12.37
CA PHE A 311 1.45 6.38 13.18
C PHE A 311 0.28 5.54 12.69
N SER A 312 0.12 4.35 13.28
CA SER A 312 -0.84 3.38 12.80
C SER A 312 -1.87 3.09 13.89
N ARG A 313 -2.72 2.10 13.62
CA ARG A 313 -3.76 1.68 14.56
C ARG A 313 -3.44 0.28 15.05
N MET A 314 -3.37 0.12 16.38
CA MET A 314 -3.13 -1.16 17.03
C MET A 314 -4.25 -1.42 18.02
N MET A 315 -4.14 -2.53 18.75
CA MET A 315 -5.14 -2.93 19.72
C MET A 315 -4.52 -2.95 21.11
N ALA A 316 -5.22 -2.36 22.08
CA ALA A 316 -4.71 -2.24 23.43
C ALA A 316 -5.74 -2.74 24.42
N THR A 317 -5.27 -3.38 25.49
CA THR A 317 -6.10 -3.82 26.60
C THR A 317 -5.78 -2.94 27.79
N LEU A 318 -6.71 -2.06 28.14
CA LEU A 318 -6.47 -1.10 29.21
C LEU A 318 -6.67 -1.75 30.58
N GLU A 319 -6.01 -1.16 31.58
CA GLU A 319 -6.07 -1.70 32.93
C GLU A 319 -7.41 -1.36 33.59
N VAL A 320 -7.94 -2.32 34.35
CA VAL A 320 -9.13 -2.11 35.15
C VAL A 320 -8.84 -2.50 36.59
N ASN A 321 -9.62 -1.94 37.50
CA ASN A 321 -9.42 -2.18 38.93
C ASN A 321 -10.72 -2.62 39.60
N GLU B 1 -12.57 -11.92 35.11
CA GLU B 1 -12.80 -13.27 34.62
C GLU B 1 -13.80 -13.28 33.47
N VAL B 2 -13.69 -14.28 32.60
CA VAL B 2 -14.58 -14.41 31.45
C VAL B 2 -14.71 -15.88 31.10
N GLN B 3 -15.93 -16.39 31.15
CA GLN B 3 -16.22 -17.78 30.81
C GLN B 3 -17.38 -17.81 29.84
N LEU B 4 -17.22 -18.52 28.73
CA LEU B 4 -18.28 -18.71 27.77
C LEU B 4 -18.68 -20.17 27.77
N VAL B 5 -19.94 -20.44 28.06
CA VAL B 5 -20.45 -21.80 28.02
C VAL B 5 -21.00 -22.05 26.62
N GLU B 6 -20.93 -23.31 26.18
CA GLU B 6 -21.41 -23.71 24.87
C GLU B 6 -22.38 -24.85 25.03
N SER B 7 -23.54 -24.75 24.38
CA SER B 7 -24.57 -25.78 24.50
C SER B 7 -25.53 -25.66 23.32
N GLY B 8 -26.29 -26.72 23.11
CA GLY B 8 -27.31 -26.75 22.08
C GLY B 8 -27.05 -27.71 20.95
N GLY B 9 -26.00 -28.51 21.01
CA GLY B 9 -25.70 -29.45 19.95
C GLY B 9 -26.54 -30.71 20.03
N GLY B 10 -26.34 -31.58 19.06
CA GLY B 10 -27.05 -32.84 19.02
C GLY B 10 -27.11 -33.38 17.60
N LEU B 11 -27.76 -34.54 17.49
CA LEU B 11 -27.92 -35.21 16.21
C LEU B 11 -29.19 -34.70 15.53
N VAL B 12 -29.12 -34.58 14.20
CA VAL B 12 -30.26 -34.10 13.43
C VAL B 12 -30.09 -34.55 11.98
N GLN B 13 -31.19 -34.97 11.37
CA GLN B 13 -31.19 -35.35 9.97
C GLN B 13 -30.93 -34.13 9.09
N PRO B 14 -30.40 -34.34 7.88
CA PRO B 14 -30.22 -33.22 6.96
C PRO B 14 -31.54 -32.55 6.64
N GLY B 15 -31.50 -31.23 6.49
CA GLY B 15 -32.70 -30.45 6.32
C GLY B 15 -33.42 -30.10 7.59
N GLY B 16 -32.84 -30.38 8.74
CA GLY B 16 -33.44 -30.07 10.02
C GLY B 16 -33.18 -28.64 10.45
N SER B 17 -33.40 -28.39 11.74
CA SER B 17 -33.19 -27.06 12.30
C SER B 17 -32.79 -27.19 13.77
N LEU B 18 -31.89 -26.32 14.20
CA LEU B 18 -31.42 -26.34 15.59
C LEU B 18 -30.86 -24.97 15.93
N ARG B 19 -30.89 -24.65 17.21
CA ARG B 19 -30.42 -23.36 17.72
C ARG B 19 -29.39 -23.59 18.81
N LEU B 20 -28.26 -22.90 18.70
CA LEU B 20 -27.21 -22.96 19.71
C LEU B 20 -27.37 -21.82 20.70
N SER B 21 -26.53 -21.84 21.73
CA SER B 21 -26.52 -20.79 22.73
C SER B 21 -25.11 -20.65 23.27
N CYS B 22 -24.79 -19.44 23.76
CA CYS B 22 -23.45 -19.15 24.24
C CYS B 22 -23.56 -18.04 25.28
N ALA B 23 -23.55 -18.41 26.54
CA ALA B 23 -23.66 -17.43 27.62
C ALA B 23 -22.32 -16.74 27.84
N ALA B 24 -22.36 -15.45 28.11
CA ALA B 24 -21.17 -14.66 28.37
C ALA B 24 -21.22 -14.16 29.81
N SER B 25 -20.15 -14.42 30.55
CA SER B 25 -20.04 -13.99 31.94
C SER B 25 -18.81 -13.12 32.09
N GLY B 26 -18.96 -12.04 32.86
CA GLY B 26 -17.89 -11.11 33.09
C GLY B 26 -17.82 -9.95 32.13
N PHE B 27 -18.59 -9.99 31.04
CA PHE B 27 -18.64 -8.87 30.10
C PHE B 27 -19.93 -8.97 29.30
N THR B 28 -20.28 -7.87 28.65
CA THR B 28 -21.54 -7.75 27.94
C THR B 28 -21.30 -7.86 26.43
N ILE B 29 -22.16 -8.63 25.76
CA ILE B 29 -22.09 -8.74 24.31
C ILE B 29 -22.56 -7.48 23.61
N SER B 30 -23.27 -6.61 24.33
CA SER B 30 -23.78 -5.38 23.73
C SER B 30 -22.67 -4.49 23.18
N ASN B 31 -21.44 -4.65 23.66
CA ASN B 31 -20.33 -3.82 23.20
C ASN B 31 -19.10 -4.63 22.80
N ALA B 32 -19.26 -5.92 22.57
CA ALA B 32 -18.15 -6.78 22.17
C ALA B 32 -18.51 -7.52 20.90
N ASP B 33 -17.62 -7.49 19.92
CA ASP B 33 -17.83 -8.25 18.70
C ASP B 33 -17.62 -9.73 18.98
N MET B 34 -18.48 -10.57 18.41
CA MET B 34 -18.44 -12.00 18.67
C MET B 34 -18.41 -12.78 17.36
N ARG B 35 -17.68 -13.90 17.38
CA ARG B 35 -17.53 -14.77 16.22
C ARG B 35 -17.96 -16.18 16.60
N TRP B 36 -18.51 -16.89 15.62
CA TRP B 36 -18.80 -18.31 15.76
C TRP B 36 -17.82 -19.09 14.90
N TYR B 37 -17.27 -20.16 15.46
CA TYR B 37 -16.28 -20.97 14.79
C TYR B 37 -16.79 -22.40 14.64
N ARG B 38 -16.14 -23.15 13.75
CA ARG B 38 -16.42 -24.57 13.64
C ARG B 38 -15.18 -25.27 13.10
N GLN B 39 -14.91 -26.46 13.62
CA GLN B 39 -13.78 -27.27 13.17
C GLN B 39 -14.33 -28.65 12.83
N ALA B 40 -14.47 -28.94 11.55
CA ALA B 40 -14.83 -30.28 11.13
C ALA B 40 -13.67 -31.22 11.44
N PRO B 41 -13.96 -32.50 11.68
CA PRO B 41 -12.89 -33.44 12.01
C PRO B 41 -11.87 -33.54 10.87
N GLY B 42 -10.59 -33.59 11.25
CA GLY B 42 -9.52 -33.77 10.29
C GLY B 42 -9.13 -32.53 9.52
N LYS B 43 -9.56 -31.35 9.94
CA LYS B 43 -9.21 -30.12 9.24
C LYS B 43 -9.30 -28.95 10.21
N GLU B 44 -8.81 -27.80 9.74
CA GLU B 44 -8.64 -26.63 10.59
C GLU B 44 -9.96 -25.91 10.78
N ARG B 45 -9.90 -24.71 11.35
CA ARG B 45 -11.07 -23.91 11.70
C ARG B 45 -11.28 -22.80 10.69
N GLU B 46 -12.48 -22.22 10.73
CA GLU B 46 -12.77 -21.05 9.91
C GLU B 46 -13.98 -20.33 10.48
N LEU B 47 -14.13 -19.07 10.07
CA LEU B 47 -15.22 -18.24 10.54
C LEU B 47 -16.57 -18.78 10.08
N VAL B 48 -17.60 -18.51 10.88
CA VAL B 48 -18.95 -18.91 10.51
C VAL B 48 -19.85 -17.68 10.48
N ALA B 49 -19.98 -16.99 11.62
CA ALA B 49 -20.88 -15.86 11.70
C ALA B 49 -20.36 -14.86 12.72
N LEU B 50 -20.44 -13.58 12.37
CA LEU B 50 -19.94 -12.50 13.22
C LEU B 50 -21.06 -11.51 13.49
N LEU B 51 -21.14 -11.04 14.73
CA LEU B 51 -22.06 -9.99 15.12
C LEU B 51 -21.21 -8.80 15.56
N LEU B 52 -20.94 -7.91 14.61
CA LEU B 52 -20.03 -6.80 14.85
C LEU B 52 -20.78 -5.68 15.56
N SER B 53 -20.71 -5.67 16.90
CA SER B 53 -21.29 -4.59 17.67
C SER B 53 -20.58 -3.27 17.43
N SER B 54 -19.36 -3.30 16.89
CA SER B 54 -18.63 -2.09 16.57
C SER B 54 -18.98 -1.53 15.20
N LEU B 55 -19.71 -2.26 14.38
CA LEU B 55 -20.18 -1.78 13.08
C LEU B 55 -21.70 -1.61 13.07
N GLY B 56 -22.25 -1.14 14.19
CA GLY B 56 -23.68 -0.94 14.26
C GLY B 56 -24.49 -2.19 14.49
N GLY B 57 -23.86 -3.27 14.96
CA GLY B 57 -24.59 -4.49 15.25
C GLY B 57 -25.00 -5.29 14.04
N SER B 58 -24.29 -5.18 12.93
CA SER B 58 -24.65 -5.92 11.73
C SER B 58 -24.13 -7.35 11.79
N THR B 59 -24.99 -8.29 11.42
CA THR B 59 -24.61 -9.69 11.33
C THR B 59 -23.93 -9.95 9.98
N GLU B 60 -23.20 -11.05 9.92
CA GLU B 60 -22.41 -11.32 8.73
C GLU B 60 -22.02 -12.79 8.71
N TYR B 61 -22.16 -13.43 7.56
CA TYR B 61 -21.95 -14.87 7.44
C TYR B 61 -20.96 -15.18 6.34
N ALA B 62 -20.34 -16.35 6.45
CA ALA B 62 -19.47 -16.85 5.40
C ALA B 62 -20.29 -17.31 4.21
N ASP B 63 -19.64 -17.34 3.04
CA ASP B 63 -20.34 -17.69 1.81
C ASP B 63 -20.81 -19.14 1.82
N SER B 64 -20.13 -20.01 2.58
CA SER B 64 -20.53 -21.41 2.62
C SER B 64 -21.78 -21.65 3.43
N VAL B 65 -22.06 -20.78 4.42
CA VAL B 65 -23.24 -20.92 5.27
C VAL B 65 -24.24 -19.80 5.06
N LYS B 66 -24.00 -18.89 4.13
CA LYS B 66 -24.94 -17.81 3.88
C LYS B 66 -26.23 -18.35 3.29
N GLY B 67 -27.35 -17.78 3.70
CA GLY B 67 -28.64 -18.24 3.25
C GLY B 67 -29.18 -19.42 4.01
N ARG B 68 -28.41 -19.94 4.97
CA ARG B 68 -28.85 -21.05 5.81
C ARG B 68 -28.60 -20.81 7.29
N PHE B 69 -27.72 -19.88 7.66
CA PHE B 69 -27.37 -19.61 9.05
C PHE B 69 -27.86 -18.22 9.43
N THR B 70 -28.46 -18.11 10.61
CA THR B 70 -28.91 -16.82 11.13
C THR B 70 -28.32 -16.63 12.52
N MET B 71 -27.74 -15.46 12.77
CA MET B 71 -27.09 -15.14 14.03
C MET B 71 -27.69 -13.87 14.60
N PHE B 72 -28.04 -13.90 15.89
CA PHE B 72 -28.56 -12.72 16.55
C PHE B 72 -28.29 -12.81 18.05
N ARG B 73 -28.45 -11.68 18.72
CA ARG B 73 -28.17 -11.58 20.15
C ARG B 73 -29.21 -10.72 20.84
N ASP B 74 -29.59 -11.13 22.05
CA ASP B 74 -30.40 -10.31 22.94
C ASP B 74 -29.63 -10.11 24.23
N ASN B 75 -29.64 -8.88 24.73
CA ASN B 75 -28.82 -8.54 25.89
C ASN B 75 -29.46 -8.90 27.22
N ALA B 76 -30.74 -9.26 27.23
CA ALA B 76 -31.43 -9.53 28.50
C ALA B 76 -30.86 -10.75 29.19
N ARG B 77 -30.76 -11.87 28.47
CA ARG B 77 -30.24 -13.10 29.04
C ARG B 77 -28.74 -13.28 28.79
N ASN B 78 -28.09 -12.29 28.19
CA ASN B 78 -26.64 -12.28 28.01
C ASN B 78 -26.17 -13.51 27.24
N THR B 79 -26.95 -13.92 26.24
CA THR B 79 -26.65 -15.11 25.46
C THR B 79 -26.69 -14.77 23.97
N VAL B 80 -25.92 -15.52 23.19
CA VAL B 80 -25.85 -15.34 21.74
C VAL B 80 -26.22 -16.66 21.08
N TYR B 81 -27.06 -16.58 20.05
CA TYR B 81 -27.59 -17.76 19.38
C TYR B 81 -27.09 -17.84 17.95
N LEU B 82 -27.19 -19.06 17.38
CA LEU B 82 -26.92 -19.30 15.97
C LEU B 82 -27.96 -20.31 15.46
N GLN B 83 -29.04 -19.79 14.88
CA GLN B 83 -30.05 -20.64 14.28
C GLN B 83 -29.53 -21.23 12.98
N MET B 84 -29.67 -22.54 12.83
CA MET B 84 -29.15 -23.27 11.68
C MET B 84 -30.31 -23.94 10.95
N ASP B 85 -30.39 -23.70 9.64
CA ASP B 85 -31.47 -24.24 8.83
C ASP B 85 -30.90 -24.88 7.57
N ASN B 86 -31.59 -25.92 7.09
CA ASN B 86 -31.20 -26.64 5.88
C ASN B 86 -29.79 -27.21 6.01
N LEU B 87 -29.50 -27.80 7.17
CA LEU B 87 -28.16 -28.33 7.41
C LEU B 87 -27.89 -29.53 6.52
N LYS B 88 -26.73 -29.53 5.88
CA LYS B 88 -26.26 -30.64 5.07
C LYS B 88 -25.25 -31.46 5.85
N ALA B 89 -24.89 -32.61 5.28
CA ALA B 89 -23.93 -33.49 5.95
C ALA B 89 -22.56 -32.85 6.06
N GLU B 90 -22.27 -31.82 5.25
CA GLU B 90 -20.98 -31.16 5.30
C GLU B 90 -20.79 -30.32 6.56
N ASP B 91 -21.84 -30.07 7.32
CA ASP B 91 -21.77 -29.17 8.46
C ASP B 91 -21.49 -29.88 9.78
N THR B 92 -21.23 -31.18 9.74
CA THR B 92 -20.92 -31.93 10.96
C THR B 92 -19.58 -31.46 11.50
N ALA B 93 -19.60 -30.80 12.65
CA ALA B 93 -18.37 -30.24 13.22
C ALA B 93 -18.62 -29.91 14.68
N VAL B 94 -17.61 -29.32 15.32
CA VAL B 94 -17.71 -28.79 16.67
C VAL B 94 -17.67 -27.26 16.58
N TYR B 95 -18.63 -26.61 17.21
CA TYR B 95 -18.82 -25.17 17.07
C TYR B 95 -18.34 -24.43 18.31
N TYR B 96 -17.60 -23.35 18.08
CA TYR B 96 -16.95 -22.60 19.13
C TYR B 96 -17.53 -21.19 19.23
N CYS B 97 -17.49 -20.63 20.43
CA CYS B 97 -17.89 -19.26 20.69
C CYS B 97 -16.65 -18.46 21.05
N ASN B 98 -16.36 -17.40 20.29
CA ASN B 98 -15.10 -16.71 20.42
C ASN B 98 -15.33 -15.21 20.38
N VAL B 99 -14.69 -14.48 21.29
CA VAL B 99 -14.80 -13.03 21.36
C VAL B 99 -13.73 -12.41 20.50
N ARG B 100 -14.10 -11.42 19.70
CA ARG B 100 -13.19 -10.87 18.70
C ARG B 100 -11.99 -10.20 19.37
N TRP B 101 -10.83 -10.34 18.73
CA TRP B 101 -9.56 -9.75 19.16
C TRP B 101 -9.10 -10.25 20.52
N THR B 102 -9.58 -11.41 20.97
CA THR B 102 -9.13 -11.96 22.24
C THR B 102 -9.27 -13.46 22.21
N ASP B 103 -8.56 -14.11 23.13
CA ASP B 103 -8.42 -15.56 23.13
C ASP B 103 -9.49 -16.27 23.94
N TYR B 104 -10.50 -15.54 24.43
CA TYR B 104 -11.58 -16.19 25.16
C TYR B 104 -12.37 -17.06 24.19
N TRP B 105 -12.40 -18.37 24.46
CA TRP B 105 -13.03 -19.32 23.57
C TRP B 105 -13.97 -20.23 24.36
N GLY B 106 -14.90 -20.86 23.63
CA GLY B 106 -15.84 -21.77 24.24
C GLY B 106 -15.35 -23.20 24.22
N GLN B 107 -16.03 -24.03 25.01
CA GLN B 107 -15.66 -25.43 25.12
C GLN B 107 -16.08 -26.26 23.91
N GLY B 108 -17.06 -25.79 23.15
CA GLY B 108 -17.42 -26.46 21.90
C GLY B 108 -18.49 -27.51 22.01
N THR B 109 -19.42 -27.53 21.05
CA THR B 109 -20.49 -28.50 20.99
C THR B 109 -20.51 -29.18 19.64
N GLN B 110 -20.95 -30.44 19.64
CA GLN B 110 -20.97 -31.24 18.42
C GLN B 110 -22.34 -31.16 17.77
N VAL B 111 -22.37 -30.79 16.50
CA VAL B 111 -23.58 -30.79 15.69
C VAL B 111 -23.35 -31.77 14.56
N THR B 112 -24.09 -32.87 14.57
CA THR B 112 -23.92 -33.95 13.60
C THR B 112 -25.13 -33.99 12.67
N VAL B 113 -24.88 -33.92 11.37
CA VAL B 113 -25.93 -33.93 10.36
C VAL B 113 -25.71 -35.19 9.53
N SER B 114 -26.61 -36.16 9.67
CA SER B 114 -26.51 -37.41 8.92
C SER B 114 -27.87 -38.09 8.94
N SER B 115 -28.01 -39.13 8.13
CA SER B 115 -29.24 -39.90 8.08
C SER B 115 -29.15 -41.14 8.97
N GLU C 1 -10.10 13.02 -11.87
CA GLU C 1 -10.58 14.39 -12.08
C GLU C 1 -9.40 15.28 -12.42
N VAL C 2 -8.32 14.67 -12.92
CA VAL C 2 -7.16 15.45 -13.31
C VAL C 2 -7.51 16.32 -14.50
N GLN C 3 -7.23 17.62 -14.39
CA GLN C 3 -7.59 18.59 -15.41
C GLN C 3 -6.37 19.43 -15.72
N LEU C 4 -5.64 19.07 -16.78
CA LEU C 4 -4.45 19.81 -17.19
C LEU C 4 -4.72 20.44 -18.55
N VAL C 5 -5.13 21.70 -18.51
CA VAL C 5 -5.40 22.45 -19.73
C VAL C 5 -4.19 23.31 -20.04
N GLU C 6 -3.73 23.25 -21.29
CA GLU C 6 -2.50 23.90 -21.71
C GLU C 6 -2.80 25.05 -22.65
N SER C 7 -1.76 25.82 -22.96
CA SER C 7 -1.86 26.94 -23.89
C SER C 7 -0.47 27.29 -24.39
N GLY C 8 -0.43 28.08 -25.45
CA GLY C 8 0.84 28.58 -25.97
C GLY C 8 1.00 28.43 -27.46
N GLY C 9 -0.07 28.06 -28.15
CA GLY C 9 -0.01 27.82 -29.57
C GLY C 9 0.01 29.09 -30.38
N GLY C 10 -0.08 28.91 -31.70
CA GLY C 10 -0.06 30.04 -32.60
C GLY C 10 0.38 29.59 -33.99
N LEU C 11 0.89 30.55 -34.75
CA LEU C 11 1.32 30.34 -36.13
C LEU C 11 2.70 30.97 -36.33
N VAL C 12 3.63 30.64 -35.43
CA VAL C 12 4.96 31.23 -35.49
C VAL C 12 5.64 30.86 -36.80
N GLN C 13 6.54 31.73 -37.24
CA GLN C 13 7.21 31.54 -38.52
C GLN C 13 8.42 30.64 -38.35
N ALA C 14 9.04 30.30 -39.47
CA ALA C 14 10.22 29.44 -39.46
C ALA C 14 11.33 30.07 -38.60
N GLY C 15 11.92 29.26 -37.74
CA GLY C 15 12.97 29.74 -36.88
C GLY C 15 12.50 30.57 -35.71
N GLY C 16 11.20 30.62 -35.46
CA GLY C 16 10.66 31.40 -34.37
C GLY C 16 10.85 30.72 -33.04
N SER C 17 10.27 31.33 -32.01
CA SER C 17 10.36 30.82 -30.65
C SER C 17 9.04 31.05 -29.93
N LEU C 18 8.50 29.99 -29.35
CA LEU C 18 7.27 30.09 -28.58
C LEU C 18 7.43 29.27 -27.31
N ARG C 19 6.69 29.67 -26.27
CA ARG C 19 6.75 29.00 -24.97
C ARG C 19 5.37 28.50 -24.63
N LEU C 20 5.28 27.21 -24.30
CA LEU C 20 4.01 26.60 -23.97
C LEU C 20 3.90 26.35 -22.47
N SER C 21 2.68 26.38 -21.96
CA SER C 21 2.42 26.19 -20.55
C SER C 21 1.31 25.17 -20.36
N CYS C 22 1.36 24.47 -19.22
CA CYS C 22 0.35 23.44 -18.92
C CYS C 22 0.12 23.45 -17.42
N THR C 23 -1.04 23.91 -16.99
CA THR C 23 -1.38 23.97 -15.58
C THR C 23 -2.08 22.68 -15.17
N ALA C 24 -1.52 22.01 -14.17
CA ALA C 24 -2.05 20.74 -13.69
C ALA C 24 -2.77 20.97 -12.36
N SER C 25 -3.99 20.47 -12.27
CA SER C 25 -4.81 20.65 -11.08
C SER C 25 -5.47 19.33 -10.72
N GLY C 26 -5.82 19.18 -9.45
CA GLY C 26 -6.43 17.97 -8.96
C GLY C 26 -5.45 16.85 -8.70
N LEU C 27 -4.17 17.06 -8.95
CA LEU C 27 -3.14 16.05 -8.77
C LEU C 27 -1.86 16.71 -8.25
N THR C 28 -1.11 15.95 -7.46
CA THR C 28 0.09 16.49 -6.84
C THR C 28 1.14 16.75 -7.92
N PHE C 29 1.36 18.02 -8.22
CA PHE C 29 2.33 18.38 -9.25
C PHE C 29 3.73 17.93 -8.86
N SER C 30 4.15 18.26 -7.64
CA SER C 30 5.56 18.13 -7.27
C SER C 30 6.05 16.70 -7.25
N SER C 31 5.15 15.71 -7.27
CA SER C 31 5.56 14.31 -7.27
C SER C 31 5.55 13.71 -8.66
N TYR C 32 4.67 14.15 -9.55
CA TYR C 32 4.59 13.58 -10.88
C TYR C 32 5.72 14.09 -11.76
N ALA C 33 6.13 13.25 -12.70
CA ALA C 33 7.11 13.64 -13.73
C ALA C 33 6.34 13.90 -15.01
N MET C 34 6.37 15.13 -15.48
CA MET C 34 5.55 15.52 -16.62
C MET C 34 6.32 15.38 -17.93
N GLY C 35 5.58 15.18 -19.01
CA GLY C 35 6.16 15.08 -20.32
C GLY C 35 5.27 15.72 -21.37
N TRP C 36 5.90 16.14 -22.45
CA TRP C 36 5.22 16.75 -23.59
C TRP C 36 5.23 15.78 -24.77
N PHE C 37 4.12 15.75 -25.51
CA PHE C 37 3.95 14.83 -26.62
C PHE C 37 3.39 15.59 -27.81
N ARG C 38 3.66 15.09 -29.01
CA ARG C 38 3.24 15.76 -30.23
C ARG C 38 2.38 14.82 -31.06
N GLN C 39 1.69 15.40 -32.05
CA GLN C 39 0.82 14.64 -32.95
C GLN C 39 0.88 15.32 -34.31
N ALA C 40 1.65 14.75 -35.23
CA ALA C 40 1.70 15.27 -36.58
C ALA C 40 0.37 15.01 -37.28
N PRO C 41 -0.01 15.84 -38.25
CA PRO C 41 -1.30 15.68 -38.92
C PRO C 41 -1.43 14.29 -39.54
N GLY C 42 -2.56 13.64 -39.28
CA GLY C 42 -2.79 12.31 -39.80
C GLY C 42 -1.79 11.29 -39.31
N LYS C 43 -1.46 11.33 -38.03
CA LYS C 43 -0.48 10.39 -37.47
C LYS C 43 -0.71 10.30 -35.96
N GLU C 44 -0.11 9.28 -35.36
CA GLU C 44 -0.32 9.00 -33.94
C GLU C 44 0.53 9.97 -33.10
N ARG C 45 0.65 9.67 -31.81
CA ARG C 45 1.34 10.54 -30.88
C ARG C 45 2.79 10.09 -30.70
N GLU C 46 3.68 11.05 -30.48
CA GLU C 46 5.09 10.76 -30.28
C GLU C 46 5.58 11.47 -29.02
N PHE C 47 6.49 10.81 -28.32
CA PHE C 47 7.13 11.42 -27.15
C PHE C 47 8.11 12.49 -27.60
N VAL C 48 8.12 13.62 -26.88
CA VAL C 48 8.93 14.78 -27.24
C VAL C 48 9.90 15.15 -26.14
N ALA C 49 9.40 15.31 -24.91
CA ALA C 49 10.26 15.72 -23.81
C ALA C 49 9.68 15.21 -22.50
N ALA C 50 10.52 15.20 -21.47
CA ALA C 50 10.10 14.80 -20.13
C ALA C 50 10.95 15.54 -19.13
N ILE C 51 10.45 15.61 -17.90
CA ILE C 51 11.15 16.30 -16.81
C ILE C 51 10.82 15.58 -15.51
N SER C 52 11.82 15.47 -14.64
CA SER C 52 11.64 14.83 -13.35
C SER C 52 10.96 15.79 -12.40
N TRP C 53 10.68 15.31 -11.18
CA TRP C 53 9.99 16.13 -10.20
C TRP C 53 10.83 17.35 -9.80
N SER C 54 12.14 17.16 -9.66
CA SER C 54 13.00 18.26 -9.25
C SER C 54 13.38 19.19 -10.40
N GLY C 55 13.10 18.81 -11.63
CA GLY C 55 13.45 19.63 -12.77
C GLY C 55 14.88 19.52 -13.21
N GLY C 56 15.66 18.59 -12.64
CA GLY C 56 17.05 18.47 -12.99
C GLY C 56 17.33 17.48 -14.11
N ASP C 57 16.41 16.54 -14.34
CA ASP C 57 16.61 15.50 -15.34
C ASP C 57 15.59 15.65 -16.45
N THR C 58 16.07 15.79 -17.68
CA THR C 58 15.21 15.90 -18.85
C THR C 58 15.79 15.07 -19.98
N TYR C 59 14.92 14.52 -20.82
CA TYR C 59 15.33 13.91 -22.07
C TYR C 59 14.39 14.35 -23.18
N TYR C 60 14.90 14.30 -24.40
CA TYR C 60 14.18 14.72 -25.59
C TYR C 60 14.20 13.60 -26.60
N GLU C 61 13.39 13.75 -27.64
CA GLU C 61 13.60 12.98 -28.86
C GLU C 61 14.89 13.44 -29.50
N ASP C 62 15.59 12.51 -30.17
CA ASP C 62 16.88 12.83 -30.76
C ASP C 62 16.77 13.97 -31.77
N SER C 63 15.69 13.99 -32.56
CA SER C 63 15.55 15.01 -33.59
C SER C 63 15.25 16.39 -33.02
N VAL C 64 14.77 16.47 -31.79
CA VAL C 64 14.41 17.75 -31.17
C VAL C 64 15.29 18.07 -29.97
N LYS C 65 16.34 17.29 -29.72
CA LYS C 65 17.20 17.57 -28.58
C LYS C 65 17.93 18.89 -28.74
N GLY C 66 18.24 19.27 -29.97
CA GLY C 66 19.08 20.42 -30.22
C GLY C 66 18.50 21.74 -29.77
N ARG C 67 17.20 21.81 -29.57
CA ARG C 67 16.62 23.11 -29.31
C ARG C 67 15.72 23.18 -28.09
N PHE C 68 14.92 22.15 -27.84
CA PHE C 68 13.88 22.26 -26.83
C PHE C 68 14.47 22.31 -25.43
N THR C 69 13.74 22.95 -24.52
CA THR C 69 14.14 23.04 -23.12
C THR C 69 12.88 23.03 -22.28
N ILE C 70 12.66 21.95 -21.53
CA ILE C 70 11.48 21.79 -20.69
C ILE C 70 11.86 22.04 -19.25
N SER C 71 11.16 22.98 -18.61
CA SER C 71 11.38 23.29 -17.21
C SER C 71 10.04 23.41 -16.51
N ARG C 72 10.04 23.20 -15.20
CA ARG C 72 8.81 23.19 -14.43
C ARG C 72 8.85 24.22 -13.32
N ASP C 73 7.67 24.70 -12.94
CA ASP C 73 7.51 25.69 -11.87
C ASP C 73 6.47 25.14 -10.90
N ASN C 74 6.93 24.67 -9.74
CA ASN C 74 6.02 24.04 -8.78
C ASN C 74 5.17 25.06 -8.04
N ALA C 75 5.51 26.35 -8.11
CA ALA C 75 4.78 27.35 -7.34
C ALA C 75 3.34 27.49 -7.84
N ALA C 76 3.16 27.60 -9.16
CA ALA C 76 1.85 27.80 -9.75
C ALA C 76 1.37 26.57 -10.51
N ASN C 77 2.01 25.43 -10.25
CA ASN C 77 1.65 24.15 -10.87
C ASN C 77 1.61 24.22 -12.39
N THR C 78 2.72 24.65 -13.01
CA THR C 78 2.82 24.70 -14.46
C THR C 78 4.07 23.96 -14.92
N VAL C 79 3.98 23.36 -16.10
CA VAL C 79 5.12 22.74 -16.77
C VAL C 79 5.29 23.41 -18.13
N TYR C 80 6.51 23.85 -18.42
CA TYR C 80 6.81 24.66 -19.57
C TYR C 80 7.58 23.86 -20.62
N LEU C 81 7.66 24.42 -21.83
CA LEU C 81 8.43 23.81 -22.91
C LEU C 81 8.85 24.92 -23.88
N GLN C 82 10.11 25.31 -23.79
CA GLN C 82 10.65 26.29 -24.73
C GLN C 82 10.80 25.66 -26.11
N MET C 83 10.50 26.44 -27.14
CA MET C 83 10.51 25.99 -28.53
C MET C 83 11.49 26.89 -29.27
N ASN C 84 12.73 26.47 -29.41
CA ASN C 84 13.73 27.28 -30.08
C ASN C 84 13.98 26.76 -31.49
N SER C 85 14.31 27.68 -32.39
CA SER C 85 14.67 27.38 -33.78
C SER C 85 13.67 26.41 -34.41
N LEU C 86 12.43 26.87 -34.54
CA LEU C 86 11.36 26.03 -35.07
C LEU C 86 11.61 25.69 -36.54
N LYS C 87 11.03 24.58 -36.96
CA LYS C 87 11.12 24.09 -38.32
C LYS C 87 9.73 23.78 -38.84
N PRO C 88 9.53 23.80 -40.16
CA PRO C 88 8.19 23.52 -40.70
C PRO C 88 7.67 22.13 -40.36
N GLU C 89 8.55 21.19 -40.02
CA GLU C 89 8.10 19.85 -39.67
C GLU C 89 7.53 19.76 -38.26
N ASP C 90 7.63 20.83 -37.48
CA ASP C 90 7.18 20.79 -36.09
C ASP C 90 5.69 21.01 -35.95
N THR C 91 4.96 21.23 -37.04
CA THR C 91 3.53 21.45 -36.98
C THR C 91 2.83 20.23 -36.38
N ALA C 92 2.28 20.39 -35.18
CA ALA C 92 1.65 19.31 -34.45
C ALA C 92 0.86 19.91 -33.31
N VAL C 93 0.00 19.10 -32.72
CA VAL C 93 -0.76 19.49 -31.54
C VAL C 93 -0.06 18.92 -30.33
N TYR C 94 0.41 19.80 -29.44
CA TYR C 94 1.21 19.39 -28.31
C TYR C 94 0.31 19.10 -27.12
N TYR C 95 0.47 17.91 -26.54
CA TYR C 95 -0.34 17.46 -25.43
C TYR C 95 0.54 17.28 -24.20
N CYS C 96 0.12 17.86 -23.09
CA CYS C 96 0.84 17.78 -21.83
C CYS C 96 0.22 16.68 -20.97
N ASN C 97 1.06 15.76 -20.49
CA ASN C 97 0.57 14.67 -19.66
C ASN C 97 1.59 14.43 -18.54
N SER C 98 1.36 13.36 -17.80
CA SER C 98 2.14 13.07 -16.61
C SER C 98 2.21 11.57 -16.40
N GLY C 99 3.01 11.17 -15.42
CA GLY C 99 3.05 9.78 -15.04
C GLY C 99 4.37 9.09 -15.33
N GLY C 100 5.11 8.77 -14.27
CA GLY C 100 6.33 8.01 -14.41
C GLY C 100 7.47 8.85 -14.96
N ILE C 101 8.69 8.57 -14.54
CA ILE C 101 9.86 9.24 -15.06
C ILE C 101 10.58 8.37 -16.08
N ALA C 102 10.63 7.05 -15.86
CA ALA C 102 11.24 6.16 -16.83
C ALA C 102 10.25 5.69 -17.88
N THR C 103 9.13 5.12 -17.45
CA THR C 103 8.12 4.61 -18.38
C THR C 103 7.33 5.78 -18.94
N MET C 104 7.92 6.44 -19.92
CA MET C 104 7.32 7.60 -20.57
C MET C 104 7.19 7.47 -22.07
N LYS C 105 8.19 6.88 -22.74
CA LYS C 105 8.14 6.80 -24.20
C LYS C 105 6.95 6.00 -24.69
N LEU C 106 6.67 4.87 -24.04
CA LEU C 106 5.59 4.01 -24.51
C LEU C 106 4.25 4.66 -24.21
N MET C 107 3.51 4.96 -25.28
CA MET C 107 2.21 5.64 -25.16
C MET C 107 1.09 4.61 -25.18
N ASP C 108 1.01 3.86 -24.09
CA ASP C 108 -0.01 2.84 -23.91
C ASP C 108 -0.77 2.98 -22.61
N GLN C 109 -0.13 3.49 -21.55
CA GLN C 109 -0.76 3.65 -20.25
C GLN C 109 -1.49 4.97 -20.11
N TYR C 110 -1.52 5.78 -21.16
CA TYR C 110 -2.03 7.15 -21.08
C TYR C 110 -3.53 7.17 -21.29
N GLU C 111 -4.28 7.06 -20.18
CA GLU C 111 -5.69 7.41 -20.21
C GLU C 111 -5.82 8.91 -20.37
N TYR C 112 -6.74 9.32 -21.24
CA TYR C 112 -7.20 10.71 -21.27
C TYR C 112 -6.11 11.65 -21.76
N TRP C 113 -6.50 12.77 -22.35
CA TRP C 113 -5.53 13.70 -22.87
C TRP C 113 -6.08 15.11 -22.68
N GLY C 114 -5.20 16.10 -22.71
CA GLY C 114 -5.59 17.49 -22.57
C GLY C 114 -6.20 17.96 -23.88
N GLN C 115 -6.84 19.12 -23.84
CA GLN C 115 -7.43 19.66 -25.06
C GLN C 115 -6.36 19.84 -26.13
N GLY C 116 -5.15 20.19 -25.72
CA GLY C 116 -4.06 20.29 -26.66
C GLY C 116 -3.97 21.66 -27.29
N THR C 117 -2.76 22.05 -27.64
CA THR C 117 -2.49 23.31 -28.30
C THR C 117 -1.95 23.04 -29.69
N GLN C 118 -2.56 23.65 -30.70
CA GLN C 118 -2.16 23.44 -32.08
C GLN C 118 -1.07 24.45 -32.43
N VAL C 119 0.13 23.94 -32.72
CA VAL C 119 1.27 24.76 -33.08
C VAL C 119 1.63 24.44 -34.53
N THR C 120 1.57 25.44 -35.39
CA THR C 120 1.88 25.28 -36.79
C THR C 120 2.94 26.28 -37.20
N VAL C 121 3.92 25.80 -37.97
CA VAL C 121 5.03 26.63 -38.42
C VAL C 121 4.97 26.73 -39.93
N SER C 122 5.04 27.95 -40.45
CA SER C 122 5.00 28.20 -41.88
C SER C 122 6.41 28.45 -42.38
N SER C 123 6.71 27.90 -43.55
CA SER C 123 8.02 28.10 -44.16
C SER C 123 8.24 29.57 -44.50
#